data_4HZD
#
_entry.id   4HZD
#
_cell.length_a   104.347
_cell.length_b   104.347
_cell.length_c   105.675
_cell.angle_alpha   90.000
_cell.angle_beta   90.000
_cell.angle_gamma   120.000
#
_symmetry.space_group_name_H-M   'H 3'
#
loop_
_entity.id
_entity.type
_entity.pdbx_description
1 polymer 'CysE, serine acetyltransferase'
2 non-polymer 'COENZYME A'
3 non-polymer 'MAGNESIUM ION'
4 non-polymer 'POLYETHYLENE GLYCOL (N=34)'
5 water water
#
_entity_poly.entity_id   1
_entity_poly.type   'polypeptide(L)'
_entity_poly.pdbx_seq_one_letter_code
;MSVRMSSKVNAGLDQVDPIWHSIRAEAEEATRNDPVLGAFLYATILNQPSLEEAVMHRIAERLGHPDVSADILRQTFDTM
LEANPEWSHVLRVDIQAVYDRDPAYSRFMDPVLYLKGFHAIQTHRLAHWLYKQGRKDFAYYLQSRSSSIFQTDIHPAARL
GSGLFLDHATGLVVGETAVVEDNVSILHGVTLGGTGKSSGDRHPKIRQGVLIGAGAKILGNIQVGQCSKIAAGSVVLKSV
PHNVTVAGVPARIIGETGCTEPSRVMDQMLGDGILEHHHHHH
;
_entity_poly.pdbx_strand_id   A,B
#
# COMPACT_ATOMS: atom_id res chain seq x y z
N ALA A 11 2.05 22.79 17.43
CA ALA A 11 1.98 23.00 18.91
C ALA A 11 0.54 23.00 19.45
N GLY A 12 -0.39 22.38 18.73
CA GLY A 12 -1.64 21.89 19.32
C GLY A 12 -1.31 20.65 20.14
N LEU A 13 -2.21 20.24 21.03
CA LEU A 13 -1.91 19.14 21.99
C LEU A 13 -1.64 17.81 21.32
N ASP A 14 -2.26 17.59 20.18
CA ASP A 14 -2.14 16.31 19.50
C ASP A 14 -0.84 16.18 18.70
N GLN A 15 -0.01 17.22 18.71
CA GLN A 15 1.37 17.11 18.21
C GLN A 15 2.28 16.35 19.20
N VAL A 16 1.86 16.23 20.46
CA VAL A 16 2.58 15.39 21.43
C VAL A 16 2.30 13.89 21.12
N ASP A 17 3.34 13.14 20.81
CA ASP A 17 3.21 11.74 20.40
C ASP A 17 4.48 10.97 20.72
N PRO A 18 4.85 10.85 22.02
CA PRO A 18 6.14 10.19 22.30
C PRO A 18 6.18 8.73 21.83
N ILE A 19 5.03 8.08 21.71
CA ILE A 19 5.00 6.67 21.29
C ILE A 19 5.50 6.56 19.85
N TRP A 20 4.93 7.36 18.93
CA TRP A 20 5.38 7.37 17.52
C TRP A 20 6.82 7.78 17.35
N HIS A 21 7.23 8.82 18.08
CA HIS A 21 8.61 9.29 17.93
C HIS A 21 9.59 8.28 18.42
N SER A 22 9.33 7.62 19.55
CA SER A 22 10.25 6.56 19.99
C SER A 22 10.30 5.43 18.99
N ILE A 23 9.14 5.05 18.44
CA ILE A 23 9.11 3.98 17.45
C ILE A 23 9.95 4.35 16.21
N ARG A 24 9.83 5.58 15.72
CA ARG A 24 10.65 6.02 14.57
C ARG A 24 12.17 5.94 14.88
N ALA A 25 12.57 6.42 16.06
CA ALA A 25 13.97 6.35 16.47
C ALA A 25 14.49 4.91 16.60
N GLU A 26 13.69 4.06 17.24
CA GLU A 26 14.02 2.63 17.43
C GLU A 26 14.14 1.92 16.07
N ALA A 27 13.28 2.27 15.11
CA ALA A 27 13.33 1.62 13.81
C ALA A 27 14.57 2.04 13.03
N GLU A 28 14.94 3.31 13.15
CA GLU A 28 16.11 3.76 12.41
C GLU A 28 17.40 3.15 12.97
N GLU A 29 17.48 3.09 14.30
CA GLU A 29 18.65 2.55 14.96
C GLU A 29 18.82 1.07 14.62
N ALA A 30 17.68 0.36 14.54
CA ALA A 30 17.64 -1.05 14.20
C ALA A 30 18.19 -1.27 12.80
N THR A 31 17.86 -0.36 11.88
CA THR A 31 18.30 -0.50 10.48
C THR A 31 19.78 -0.31 10.31
N ARG A 32 20.33 0.69 11.00
CA ARG A 32 21.78 0.93 11.00
C ARG A 32 22.53 -0.28 11.48
N ASN A 33 22.03 -0.86 12.56
CA ASN A 33 22.67 -2.00 13.21
C ASN A 33 22.52 -3.30 12.40
N ASP A 34 21.43 -3.43 11.63
CA ASP A 34 21.17 -4.67 10.87
C ASP A 34 20.54 -4.28 9.51
N PRO A 35 21.35 -3.76 8.56
CA PRO A 35 20.83 -3.17 7.29
C PRO A 35 19.99 -4.08 6.42
N VAL A 36 20.22 -5.41 6.46
CA VAL A 36 19.36 -6.31 5.70
C VAL A 36 17.85 -6.19 6.05
N LEU A 37 17.55 -5.73 7.28
CA LEU A 37 16.20 -5.45 7.73
C LEU A 37 15.65 -4.09 7.26
N GLY A 38 16.40 -3.41 6.40
CA GLY A 38 16.01 -2.02 5.99
C GLY A 38 14.74 -1.99 5.19
N ALA A 39 14.53 -2.95 4.29
CA ALA A 39 13.27 -2.96 3.53
C ALA A 39 12.09 -3.10 4.47
N PHE A 40 12.19 -4.05 5.42
CA PHE A 40 11.11 -4.26 6.40
C PHE A 40 10.80 -3.03 7.25
N LEU A 41 11.84 -2.47 7.83
CA LEU A 41 11.68 -1.39 8.76
C LEU A 41 11.35 -0.06 8.10
N TYR A 42 11.85 0.18 6.87
CA TYR A 42 11.45 1.41 6.16
C TYR A 42 10.05 1.34 5.62
N ALA A 43 9.69 0.18 5.04
CA ALA A 43 8.35 0.05 4.43
C ALA A 43 7.28 0.00 5.50
N THR A 44 7.64 -0.53 6.68
CA THR A 44 6.61 -0.60 7.72
C THR A 44 6.56 0.58 8.70
N ILE A 45 7.70 1.20 8.99
CA ILE A 45 7.73 2.32 9.93
C ILE A 45 8.22 3.61 9.25
N LEU A 46 9.47 3.59 8.75
CA LEU A 46 10.17 4.86 8.48
C LEU A 46 9.59 5.65 7.29
N ASN A 47 9.06 4.97 6.28
CA ASN A 47 8.38 5.66 5.19
C ASN A 47 6.95 6.09 5.53
N GLN A 48 6.41 5.67 6.68
CA GLN A 48 5.01 5.94 6.99
C GLN A 48 4.91 7.32 7.61
N PRO A 49 3.88 8.09 7.27
CA PRO A 49 3.81 9.39 7.92
C PRO A 49 3.09 9.37 9.28
N SER A 50 2.64 8.19 9.73
CA SER A 50 1.93 8.12 11.02
C SER A 50 1.98 6.73 11.63
N LEU A 51 1.83 6.66 12.96
CA LEU A 51 1.76 5.38 13.63
C LEU A 51 0.57 4.57 13.12
N GLU A 52 -0.57 5.23 12.89
CA GLU A 52 -1.75 4.54 12.37
C GLU A 52 -1.46 3.82 11.07
N GLU A 53 -0.77 4.51 10.18
CA GLU A 53 -0.40 3.93 8.89
C GLU A 53 0.62 2.81 9.00
N ALA A 54 1.60 2.93 9.91
CA ALA A 54 2.51 1.81 10.19
C ALA A 54 1.81 0.52 10.69
N VAL A 55 0.89 0.69 11.65
CA VAL A 55 0.12 -0.42 12.29
C VAL A 55 -0.78 -1.05 11.22
N MET A 56 -1.51 -0.22 10.50
CA MET A 56 -2.35 -0.76 9.37
C MET A 56 -1.54 -1.51 8.36
N HIS A 57 -0.38 -0.95 7.97
CA HIS A 57 0.51 -1.61 7.03
C HIS A 57 1.06 -2.93 7.56
N ARG A 58 1.63 -2.93 8.76
CA ARG A 58 2.09 -4.19 9.36
C ARG A 58 1.02 -5.26 9.36
N ILE A 59 -0.18 -4.90 9.83
CA ILE A 59 -1.22 -5.88 9.99
C ILE A 59 -1.73 -6.36 8.63
N ALA A 60 -1.91 -5.41 7.70
CA ALA A 60 -2.30 -5.75 6.35
C ALA A 60 -1.33 -6.78 5.70
N GLU A 61 -0.03 -6.60 5.90
CA GLU A 61 1.02 -7.47 5.32
C GLU A 61 0.99 -8.85 5.96
N ARG A 62 0.72 -8.91 7.26
CA ARG A 62 0.62 -10.21 7.93
C ARG A 62 -0.62 -11.00 7.45
N LEU A 63 -1.73 -10.30 7.24
CA LEU A 63 -2.98 -10.98 6.85
C LEU A 63 -3.09 -11.16 5.33
N GLY A 64 -2.38 -10.33 4.58
CA GLY A 64 -2.40 -10.46 3.10
C GLY A 64 -2.24 -11.88 2.56
N HIS A 65 -3.01 -12.22 1.52
CA HIS A 65 -3.02 -13.55 0.87
C HIS A 65 -3.47 -13.40 -0.58
N PRO A 66 -3.07 -14.32 -1.49
CA PRO A 66 -3.64 -14.21 -2.84
C PRO A 66 -5.17 -14.05 -2.82
N ASP A 67 -5.85 -14.61 -1.81
CA ASP A 67 -7.31 -14.53 -1.74
C ASP A 67 -7.86 -13.11 -1.57
N VAL A 68 -7.22 -12.32 -0.72
CA VAL A 68 -7.57 -10.90 -0.53
C VAL A 68 -6.25 -10.20 -0.18
N SER A 69 -5.80 -9.29 -1.06
CA SER A 69 -4.45 -8.71 -0.93
C SER A 69 -4.26 -7.84 0.33
N ALA A 70 -3.03 -7.73 0.79
CA ALA A 70 -2.67 -6.74 1.77
C ALA A 70 -3.22 -5.39 1.42
N ASP A 71 -3.15 -4.98 0.14
CA ASP A 71 -3.66 -3.68 -0.26
C ASP A 71 -5.13 -3.43 0.04
N ILE A 72 -5.96 -4.41 -0.31
CA ILE A 72 -7.38 -4.31 -0.02
C ILE A 72 -7.60 -4.21 1.48
N LEU A 73 -6.86 -5.02 2.23
CA LEU A 73 -6.95 -4.95 3.70
C LEU A 73 -6.50 -3.58 4.23
N ARG A 74 -5.39 -3.06 3.73
CA ARG A 74 -4.87 -1.75 4.17
C ARG A 74 -5.83 -0.60 3.83
N GLN A 75 -6.39 -0.61 2.62
CA GLN A 75 -7.38 0.37 2.19
C GLN A 75 -8.66 0.31 3.05
N THR A 76 -9.08 -0.90 3.42
CA THR A 76 -10.22 -1.11 4.31
C THR A 76 -9.93 -0.60 5.74
N PHE A 77 -8.81 -1.00 6.34
CA PHE A 77 -8.26 -0.31 7.53
C PHE A 77 -8.32 1.23 7.47
N ASP A 78 -7.84 1.84 6.39
CA ASP A 78 -7.92 3.30 6.19
C ASP A 78 -9.36 3.82 6.35
N THR A 79 -10.33 3.12 5.74
CA THR A 79 -11.76 3.44 5.83
C THR A 79 -12.27 3.38 7.31
N MET A 80 -11.86 2.32 8.03
CA MET A 80 -12.17 2.19 9.46
C MET A 80 -11.63 3.39 10.29
N LEU A 81 -10.36 3.75 10.11
CA LEU A 81 -9.80 4.89 10.83
C LEU A 81 -10.54 6.21 10.54
N GLU A 82 -10.85 6.44 9.27
CA GLU A 82 -11.59 7.62 8.87
C GLU A 82 -12.96 7.68 9.55
N ALA A 83 -13.66 6.55 9.61
CA ALA A 83 -14.94 6.47 10.31
C ALA A 83 -14.81 6.40 11.85
N ASN A 84 -13.66 5.95 12.37
CA ASN A 84 -13.46 5.76 13.83
C ASN A 84 -12.20 6.42 14.32
N PRO A 85 -12.22 7.77 14.40
CA PRO A 85 -11.05 8.55 14.79
C PRO A 85 -10.47 8.16 16.15
N GLU A 86 -11.30 7.63 17.04
CA GLU A 86 -10.84 7.21 18.37
C GLU A 86 -9.82 6.06 18.28
N TRP A 87 -9.75 5.39 17.13
CA TRP A 87 -8.78 4.28 16.98
C TRP A 87 -7.34 4.72 17.19
N SER A 88 -7.02 5.95 16.80
CA SER A 88 -5.72 6.55 17.09
C SER A 88 -5.32 6.52 18.56
N HIS A 89 -6.24 6.87 19.46
CA HIS A 89 -5.97 6.76 20.89
C HIS A 89 -6.01 5.31 21.39
N VAL A 90 -7.00 4.53 20.92
CA VAL A 90 -7.16 3.13 21.34
C VAL A 90 -5.86 2.36 21.05
N LEU A 91 -5.29 2.50 19.85
CA LEU A 91 -4.12 1.68 19.49
C LEU A 91 -2.88 2.08 20.34
N ARG A 92 -2.77 3.36 20.65
CA ARG A 92 -1.75 3.90 21.55
C ARG A 92 -1.88 3.40 23.00
N VAL A 93 -3.11 3.33 23.52
CA VAL A 93 -3.32 2.73 24.85
C VAL A 93 -3.01 1.20 24.82
N ASP A 94 -3.36 0.53 23.71
CA ASP A 94 -3.05 -0.89 23.57
C ASP A 94 -1.53 -1.14 23.53
N ILE A 95 -0.82 -0.26 22.84
CA ILE A 95 0.65 -0.30 22.80
C ILE A 95 1.24 -0.02 24.18
N GLN A 96 0.73 1.02 24.84
CA GLN A 96 1.11 1.35 26.21
C GLN A 96 0.83 0.20 27.21
N ALA A 97 -0.25 -0.56 27.02
CA ALA A 97 -0.51 -1.76 27.82
C ALA A 97 0.63 -2.78 27.76
N VAL A 98 1.11 -3.07 26.55
CA VAL A 98 2.21 -4.02 26.40
C VAL A 98 3.44 -3.47 27.10
N TYR A 99 3.73 -2.21 26.82
CA TYR A 99 4.93 -1.58 27.34
C TYR A 99 4.93 -1.65 28.88
N ASP A 100 3.78 -1.35 29.48
CA ASP A 100 3.60 -1.35 30.95
C ASP A 100 3.52 -2.72 31.60
N ARG A 101 3.02 -3.71 30.87
CA ARG A 101 2.65 -5.00 31.48
C ARG A 101 3.57 -6.17 31.11
N ASP A 102 4.40 -6.07 30.05
CA ASP A 102 5.32 -7.18 29.67
C ASP A 102 6.80 -6.86 29.89
N PRO A 103 7.46 -7.57 30.85
CA PRO A 103 8.90 -7.33 31.09
C PRO A 103 9.83 -7.84 29.95
N ALA A 104 9.31 -8.73 29.11
CA ALA A 104 10.09 -9.42 28.10
C ALA A 104 10.51 -8.53 26.93
N TYR A 105 9.86 -7.36 26.79
CA TYR A 105 10.08 -6.43 25.67
C TYR A 105 10.30 -5.03 26.21
N SER A 106 11.30 -4.31 25.68
CA SER A 106 11.60 -2.95 26.16
C SER A 106 11.16 -1.79 25.27
N ARG A 107 10.44 -2.06 24.17
CA ARG A 107 10.21 -0.99 23.19
C ARG A 107 8.75 -0.86 22.73
N PHE A 108 8.28 0.38 22.56
CA PHE A 108 6.98 0.64 21.94
C PHE A 108 6.86 -0.03 20.57
N MET A 109 8.01 -0.19 19.90
CA MET A 109 8.04 -0.81 18.56
C MET A 109 7.74 -2.32 18.58
N ASP A 110 8.00 -2.97 19.73
CA ASP A 110 7.86 -4.43 19.83
C ASP A 110 6.44 -4.91 19.51
N PRO A 111 5.39 -4.36 20.17
CA PRO A 111 4.04 -4.80 19.70
C PRO A 111 3.70 -4.45 18.23
N VAL A 112 4.08 -3.26 17.81
CA VAL A 112 3.77 -2.80 16.47
C VAL A 112 4.31 -3.78 15.44
N LEU A 113 5.55 -4.22 15.63
CA LEU A 113 6.12 -5.10 14.57
C LEU A 113 5.89 -6.58 14.78
N TYR A 114 5.87 -7.02 16.05
CA TYR A 114 6.13 -8.44 16.37
C TYR A 114 4.98 -9.22 17.03
N LEU A 115 4.24 -8.55 17.90
CA LEU A 115 3.39 -9.30 18.80
C LEU A 115 2.00 -9.57 18.23
N LYS A 116 1.74 -10.82 17.91
CA LYS A 116 0.51 -11.21 17.23
C LYS A 116 -0.73 -10.91 18.06
N GLY A 117 -0.61 -10.88 19.40
CA GLY A 117 -1.75 -10.47 20.22
C GLY A 117 -2.20 -9.05 19.89
N PHE A 118 -1.24 -8.13 19.81
CA PHE A 118 -1.55 -6.74 19.46
C PHE A 118 -2.13 -6.67 18.01
N HIS A 119 -1.54 -7.42 17.08
CA HIS A 119 -2.06 -7.44 15.70
C HIS A 119 -3.47 -8.01 15.68
N ALA A 120 -3.73 -9.06 16.46
CA ALA A 120 -5.10 -9.59 16.53
C ALA A 120 -6.10 -8.60 17.07
N ILE A 121 -5.73 -7.83 18.07
CA ILE A 121 -6.70 -6.93 18.68
C ILE A 121 -7.22 -5.92 17.64
N GLN A 122 -6.30 -5.31 16.91
CA GLN A 122 -6.67 -4.29 15.90
C GLN A 122 -7.39 -4.94 14.73
N THR A 123 -7.03 -6.16 14.39
CA THR A 123 -7.74 -6.90 13.35
C THR A 123 -9.17 -7.12 13.79
N HIS A 124 -9.40 -7.46 15.07
CA HIS A 124 -10.76 -7.55 15.56
C HIS A 124 -11.51 -6.23 15.47
N ARG A 125 -10.87 -5.15 15.88
CA ARG A 125 -11.49 -3.82 15.80
C ARG A 125 -11.97 -3.55 14.36
N LEU A 126 -11.13 -3.88 13.37
CA LEU A 126 -11.51 -3.73 11.96
C LEU A 126 -12.73 -4.59 11.64
N ALA A 127 -12.61 -5.89 11.92
CA ALA A 127 -13.70 -6.85 11.68
C ALA A 127 -15.03 -6.43 12.34
N HIS A 128 -14.94 -5.91 13.55
CA HIS A 128 -16.11 -5.52 14.35
C HIS A 128 -16.86 -4.37 13.68
N TRP A 129 -16.11 -3.35 13.31
CA TRP A 129 -16.66 -2.23 12.54
C TRP A 129 -17.35 -2.69 11.23
N LEU A 130 -16.64 -3.49 10.44
CA LEU A 130 -17.19 -4.06 9.18
C LEU A 130 -18.48 -4.80 9.44
N TYR A 131 -18.51 -5.61 10.50
CA TYR A 131 -19.67 -6.45 10.85
C TYR A 131 -20.88 -5.54 11.14
N LYS A 132 -20.65 -4.47 11.91
CA LYS A 132 -21.73 -3.50 12.25
C LYS A 132 -22.21 -2.74 11.01
N GLN A 133 -21.35 -2.65 9.99
CA GLN A 133 -21.72 -1.93 8.75
C GLN A 133 -22.51 -2.83 7.79
N GLY A 134 -22.80 -4.07 8.18
CA GLY A 134 -23.44 -5.05 7.28
C GLY A 134 -22.47 -5.73 6.31
N ARG A 135 -21.16 -5.50 6.50
CA ARG A 135 -20.13 -6.12 5.67
C ARG A 135 -19.61 -7.42 6.32
N LYS A 136 -20.52 -8.37 6.45
CA LYS A 136 -20.33 -9.55 7.28
C LYS A 136 -19.34 -10.53 6.68
N ASP A 137 -19.32 -10.63 5.35
CA ASP A 137 -18.29 -11.44 4.72
C ASP A 137 -16.92 -10.91 4.96
N PHE A 138 -16.73 -9.61 4.78
CA PHE A 138 -15.40 -9.06 5.05
C PHE A 138 -15.04 -9.39 6.50
N ALA A 139 -15.98 -9.19 7.41
CA ALA A 139 -15.70 -9.42 8.83
C ALA A 139 -15.32 -10.89 9.11
N TYR A 140 -16.06 -11.83 8.52
CA TYR A 140 -15.78 -13.25 8.75
C TYR A 140 -14.44 -13.63 8.12
N TYR A 141 -14.14 -12.99 6.98
CA TYR A 141 -12.87 -13.24 6.33
C TYR A 141 -11.72 -12.83 7.24
N LEU A 142 -11.80 -11.66 7.83
CA LEU A 142 -10.76 -11.23 8.76
C LEU A 142 -10.65 -12.17 10.00
N GLN A 143 -11.80 -12.52 10.57
CA GLN A 143 -11.86 -13.47 11.71
C GLN A 143 -11.15 -14.77 11.33
N SER A 144 -11.43 -15.24 10.13
CA SER A 144 -10.87 -16.49 9.60
C SER A 144 -9.38 -16.37 9.41
N ARG A 145 -8.96 -15.27 8.80
CA ARG A 145 -7.55 -15.06 8.59
C ARG A 145 -6.78 -14.85 9.92
N SER A 146 -7.41 -14.13 10.86
CA SER A 146 -6.79 -13.94 12.18
C SER A 146 -6.69 -15.26 12.92
N SER A 147 -7.75 -16.08 12.84
CA SER A 147 -7.67 -17.40 13.49
C SER A 147 -6.48 -18.19 12.94
N SER A 148 -6.25 -18.11 11.63
CA SER A 148 -5.21 -18.96 10.98
C SER A 148 -3.80 -18.43 11.19
N ILE A 149 -3.63 -17.10 11.17
CA ILE A 149 -2.29 -16.52 11.21
C ILE A 149 -1.88 -16.05 12.59
N PHE A 150 -2.83 -15.52 13.38
CA PHE A 150 -2.54 -15.12 14.76
C PHE A 150 -3.01 -16.13 15.81
N GLN A 151 -3.72 -17.17 15.35
CA GLN A 151 -4.31 -18.23 16.22
C GLN A 151 -5.27 -17.68 17.25
N THR A 152 -5.93 -16.58 16.90
CA THR A 152 -6.88 -15.89 17.76
C THR A 152 -8.20 -15.91 17.02
N ASP A 153 -9.16 -16.66 17.56
CA ASP A 153 -10.48 -16.81 16.92
C ASP A 153 -11.43 -15.92 17.74
N ILE A 154 -11.66 -14.71 17.24
CA ILE A 154 -12.51 -13.72 17.92
C ILE A 154 -13.71 -13.43 17.04
N HIS A 155 -14.91 -13.73 17.52
CA HIS A 155 -16.10 -13.41 16.75
C HIS A 155 -16.24 -11.91 16.54
N PRO A 156 -16.54 -11.46 15.31
CA PRO A 156 -16.59 -10.01 15.07
C PRO A 156 -17.63 -9.24 15.89
N ALA A 157 -18.62 -9.92 16.47
CA ALA A 157 -19.66 -9.28 17.30
C ALA A 157 -19.19 -9.11 18.73
N ALA A 158 -18.05 -9.74 19.07
CA ALA A 158 -17.47 -9.60 20.40
C ALA A 158 -17.13 -8.13 20.61
N ARG A 159 -17.13 -7.68 21.87
CA ARG A 159 -16.77 -6.29 22.17
C ARG A 159 -15.52 -6.23 23.03
N LEU A 160 -14.48 -5.55 22.53
CA LEU A 160 -13.20 -5.47 23.25
C LEU A 160 -12.81 -4.04 23.58
N GLY A 161 -12.51 -3.80 24.87
CA GLY A 161 -12.17 -2.47 25.33
C GLY A 161 -10.77 -2.06 24.93
N SER A 162 -10.33 -0.90 25.40
CA SER A 162 -8.99 -0.43 25.10
C SER A 162 -8.02 -0.79 26.22
N GLY A 163 -6.73 -0.52 25.98
CA GLY A 163 -5.68 -0.99 26.89
C GLY A 163 -5.77 -2.50 27.10
N LEU A 164 -6.09 -3.22 26.05
CA LEU A 164 -6.11 -4.69 26.13
C LEU A 164 -4.73 -5.26 25.83
N PHE A 165 -4.25 -6.12 26.72
CA PHE A 165 -3.02 -6.86 26.52
C PHE A 165 -3.30 -8.35 26.29
N LEU A 166 -2.97 -8.81 25.07
CA LEU A 166 -3.17 -10.20 24.65
C LEU A 166 -1.80 -10.86 24.57
N ASP A 167 -1.39 -11.45 25.67
CA ASP A 167 0.00 -11.81 25.85
C ASP A 167 0.19 -13.20 25.27
N HIS A 168 1.08 -13.35 24.29
CA HIS A 168 1.38 -14.67 23.62
C HIS A 168 0.28 -15.07 22.67
N ALA A 169 -0.98 -14.95 23.11
CA ALA A 169 -2.23 -15.06 22.32
C ALA A 169 -2.63 -16.40 21.74
N THR A 170 -1.68 -17.28 21.43
CA THR A 170 -2.05 -18.51 20.72
C THR A 170 -3.22 -19.26 21.40
N GLY A 171 -4.29 -19.53 20.64
CA GLY A 171 -5.36 -20.42 21.11
C GLY A 171 -6.55 -19.66 21.69
N LEU A 172 -6.47 -18.33 21.68
CA LEU A 172 -7.58 -17.52 22.12
C LEU A 172 -8.84 -17.74 21.32
N VAL A 173 -9.93 -17.97 22.04
CA VAL A 173 -11.26 -18.03 21.49
C VAL A 173 -12.21 -17.09 22.27
N VAL A 174 -12.89 -16.22 21.54
CA VAL A 174 -13.85 -15.29 22.11
C VAL A 174 -15.16 -15.37 21.33
N GLY A 175 -16.21 -15.72 22.05
CA GLY A 175 -17.53 -15.89 21.47
C GLY A 175 -18.25 -14.61 21.09
N GLU A 176 -19.27 -14.79 20.27
CA GLU A 176 -20.07 -13.74 19.70
C GLU A 176 -20.64 -12.72 20.68
N THR A 177 -21.07 -13.16 21.88
CA THR A 177 -21.68 -12.25 22.83
C THR A 177 -20.77 -11.90 24.02
N ALA A 178 -19.49 -12.21 23.90
CA ALA A 178 -18.50 -11.77 24.92
C ALA A 178 -18.30 -10.26 24.92
N VAL A 179 -18.05 -9.75 26.12
CA VAL A 179 -17.69 -8.36 26.35
C VAL A 179 -16.42 -8.33 27.23
N VAL A 180 -15.40 -7.64 26.73
CA VAL A 180 -14.22 -7.37 27.52
C VAL A 180 -14.11 -5.86 27.69
N GLU A 181 -14.04 -5.39 28.93
CA GLU A 181 -13.89 -3.95 29.20
C GLU A 181 -12.41 -3.49 29.17
N ASP A 182 -12.15 -2.22 29.46
CA ASP A 182 -10.77 -1.69 29.43
C ASP A 182 -9.81 -2.28 30.41
N ASN A 183 -8.52 -2.08 30.10
CA ASN A 183 -7.39 -2.51 30.92
C ASN A 183 -7.41 -3.99 31.36
N VAL A 184 -7.75 -4.87 30.44
CA VAL A 184 -7.69 -6.31 30.71
C VAL A 184 -6.40 -6.91 30.13
N SER A 185 -5.84 -7.91 30.82
CA SER A 185 -4.75 -8.71 30.27
C SER A 185 -5.22 -10.14 30.10
N ILE A 186 -5.02 -10.70 28.90
CA ILE A 186 -5.44 -12.07 28.60
C ILE A 186 -4.26 -12.88 28.03
N LEU A 187 -4.03 -14.06 28.56
CA LEU A 187 -2.94 -14.89 28.05
C LEU A 187 -3.37 -15.87 26.94
N HIS A 188 -2.43 -16.65 26.41
CA HIS A 188 -2.75 -17.72 25.42
C HIS A 188 -3.54 -18.85 26.05
N GLY A 189 -4.23 -19.58 25.20
CA GLY A 189 -5.05 -20.75 25.57
C GLY A 189 -6.34 -20.38 26.29
N VAL A 190 -6.74 -19.12 26.18
CA VAL A 190 -7.93 -18.63 26.91
C VAL A 190 -9.19 -18.73 26.06
N THR A 191 -10.26 -19.27 26.66
CA THR A 191 -11.59 -19.30 26.04
C THR A 191 -12.54 -18.41 26.85
N LEU A 192 -13.10 -17.44 26.14
CA LEU A 192 -14.29 -16.77 26.62
C LEU A 192 -15.45 -17.33 25.82
N GLY A 193 -15.99 -18.43 26.34
CA GLY A 193 -16.89 -19.25 25.53
C GLY A 193 -18.25 -19.55 26.17
N GLY A 194 -18.94 -20.54 25.59
CA GLY A 194 -20.29 -20.94 26.02
C GLY A 194 -20.32 -22.28 26.73
N THR A 195 -21.38 -22.49 27.51
CA THR A 195 -21.59 -23.76 28.21
C THR A 195 -22.08 -24.81 27.20
N GLY A 196 -22.57 -24.35 26.05
CA GLY A 196 -23.14 -25.22 25.02
C GLY A 196 -24.64 -25.41 25.16
N LYS A 197 -25.24 -24.81 26.19
CA LYS A 197 -26.63 -25.09 26.54
C LYS A 197 -27.54 -23.86 26.60
N SER A 198 -27.16 -22.76 25.95
CA SER A 198 -28.02 -21.56 25.89
C SER A 198 -27.98 -20.90 24.51
N SER A 199 -28.84 -19.90 24.31
CA SER A 199 -29.23 -19.46 22.98
C SER A 199 -28.78 -18.05 22.57
N GLY A 200 -29.00 -17.09 23.45
CA GLY A 200 -28.83 -15.68 23.09
C GLY A 200 -27.54 -15.21 23.69
N ASP A 201 -27.66 -14.41 24.74
CA ASP A 201 -26.51 -13.91 25.45
C ASP A 201 -25.90 -15.07 26.24
N ARG A 202 -24.65 -15.44 25.93
CA ARG A 202 -24.12 -16.73 26.36
C ARG A 202 -22.61 -16.80 26.59
N HIS A 203 -21.91 -15.66 26.56
CA HIS A 203 -20.44 -15.70 26.70
C HIS A 203 -20.14 -14.69 27.76
N PRO A 204 -18.90 -14.69 28.27
CA PRO A 204 -18.53 -13.90 29.44
C PRO A 204 -18.43 -12.39 29.29
N LYS A 205 -18.66 -11.77 30.44
CA LYS A 205 -18.53 -10.33 30.59
C LYS A 205 -17.32 -10.10 31.50
N ILE A 206 -16.25 -9.59 30.90
CA ILE A 206 -15.01 -9.34 31.65
C ILE A 206 -14.89 -7.85 32.01
N ARG A 207 -14.89 -7.56 33.32
CA ARG A 207 -14.81 -6.18 33.83
C ARG A 207 -13.37 -5.67 33.80
N GLN A 208 -13.21 -4.37 34.07
CA GLN A 208 -11.98 -3.62 33.94
C GLN A 208 -10.88 -4.16 34.85
N GLY A 209 -9.63 -4.13 34.41
CA GLY A 209 -8.50 -4.48 35.27
C GLY A 209 -8.24 -5.95 35.51
N VAL A 210 -9.05 -6.82 34.91
CA VAL A 210 -8.91 -8.28 35.05
C VAL A 210 -7.64 -8.84 34.37
N LEU A 211 -7.01 -9.79 35.03
CA LEU A 211 -6.01 -10.66 34.43
C LEU A 211 -6.52 -12.11 34.31
N ILE A 212 -6.41 -12.64 33.09
CA ILE A 212 -6.79 -14.01 32.82
C ILE A 212 -5.58 -14.84 32.41
N GLY A 213 -5.26 -15.80 33.27
CA GLY A 213 -4.06 -16.64 33.13
C GLY A 213 -4.12 -17.66 32.01
N ALA A 214 -2.98 -18.25 31.67
CA ALA A 214 -2.85 -19.13 30.49
C ALA A 214 -3.75 -20.34 30.56
N GLY A 215 -4.42 -20.64 29.46
CA GLY A 215 -5.25 -21.83 29.39
C GLY A 215 -6.57 -21.80 30.13
N ALA A 216 -6.95 -20.66 30.74
CA ALA A 216 -8.23 -20.58 31.45
C ALA A 216 -9.43 -20.70 30.49
N LYS A 217 -10.45 -21.45 30.89
CA LYS A 217 -11.75 -21.46 30.20
C LYS A 217 -12.79 -20.76 31.06
N ILE A 218 -13.41 -19.71 30.51
CA ILE A 218 -14.46 -18.98 31.20
C ILE A 218 -15.72 -19.21 30.34
N LEU A 219 -16.73 -19.88 30.92
CA LEU A 219 -17.82 -20.43 30.08
C LEU A 219 -19.20 -20.03 30.57
N GLY A 220 -19.98 -19.40 29.69
CA GLY A 220 -21.34 -18.97 30.02
C GLY A 220 -21.47 -17.46 30.03
N ASN A 221 -22.71 -16.99 30.09
CA ASN A 221 -23.01 -15.60 30.35
C ASN A 221 -22.80 -15.27 31.85
N ILE A 222 -21.52 -15.21 32.22
CA ILE A 222 -21.10 -14.99 33.59
C ILE A 222 -20.22 -13.76 33.59
N GLN A 223 -20.04 -13.17 34.77
CA GLN A 223 -19.23 -11.99 34.91
C GLN A 223 -17.95 -12.30 35.67
N VAL A 224 -16.81 -11.78 35.20
CA VAL A 224 -15.59 -11.73 36.01
C VAL A 224 -15.49 -10.31 36.55
N GLY A 225 -15.63 -10.18 37.87
CA GLY A 225 -15.66 -8.85 38.48
C GLY A 225 -14.37 -8.08 38.35
N GLN A 226 -14.49 -6.77 38.51
CA GLN A 226 -13.40 -5.86 38.36
C GLN A 226 -12.17 -6.22 39.19
N CYS A 227 -10.98 -6.08 38.59
CA CYS A 227 -9.68 -6.31 39.23
C CYS A 227 -9.37 -7.73 39.63
N SER A 228 -10.27 -8.66 39.33
CA SER A 228 -10.04 -10.06 39.67
C SER A 228 -9.05 -10.72 38.76
N LYS A 229 -8.48 -11.82 39.25
CA LYS A 229 -7.48 -12.60 38.53
C LYS A 229 -7.87 -14.07 38.40
N ILE A 230 -7.70 -14.60 37.19
CA ILE A 230 -7.99 -16.01 36.91
C ILE A 230 -6.68 -16.75 36.73
N ALA A 231 -6.37 -17.63 37.68
CA ALA A 231 -5.11 -18.37 37.64
C ALA A 231 -4.99 -19.24 36.38
N ALA A 232 -3.77 -19.61 36.00
CA ALA A 232 -3.56 -20.42 34.79
C ALA A 232 -4.35 -21.70 34.94
N GLY A 233 -4.95 -22.16 33.85
CA GLY A 233 -5.67 -23.42 33.84
C GLY A 233 -7.01 -23.53 34.57
N SER A 234 -7.50 -22.44 35.14
CA SER A 234 -8.85 -22.44 35.75
C SER A 234 -10.02 -22.74 34.78
N VAL A 235 -11.00 -23.51 35.24
CA VAL A 235 -12.30 -23.57 34.52
C VAL A 235 -13.37 -22.83 35.32
N VAL A 236 -13.91 -21.78 34.72
CA VAL A 236 -14.73 -20.81 35.43
C VAL A 236 -16.15 -20.88 34.91
N LEU A 237 -17.05 -21.29 35.80
CA LEU A 237 -18.42 -21.61 35.43
C LEU A 237 -19.45 -20.76 36.16
N LYS A 238 -18.98 -19.98 37.13
CA LYS A 238 -19.87 -19.11 37.91
C LYS A 238 -19.26 -17.72 37.97
N SER A 239 -20.11 -16.69 38.09
CA SER A 239 -19.62 -15.30 38.14
C SER A 239 -18.57 -15.09 39.24
N VAL A 240 -17.55 -14.30 38.96
CA VAL A 240 -16.48 -14.07 39.91
C VAL A 240 -16.63 -12.64 40.47
N PRO A 241 -16.71 -12.48 41.81
CA PRO A 241 -16.83 -11.13 42.41
C PRO A 241 -15.59 -10.27 42.16
N HIS A 242 -15.68 -8.97 42.42
CA HIS A 242 -14.52 -8.11 42.21
C HIS A 242 -13.43 -8.44 43.18
N ASN A 243 -12.20 -8.10 42.82
CA ASN A 243 -11.05 -8.11 43.74
C ASN A 243 -10.73 -9.45 44.43
N VAL A 244 -10.90 -10.55 43.69
CA VAL A 244 -10.42 -11.87 44.16
C VAL A 244 -9.54 -12.61 43.14
N THR A 245 -8.74 -13.56 43.63
CA THR A 245 -8.11 -14.52 42.72
C THR A 245 -8.85 -15.84 42.77
N VAL A 246 -9.15 -16.41 41.60
CA VAL A 246 -9.68 -17.76 41.52
C VAL A 246 -8.72 -18.72 40.85
N ALA A 247 -8.76 -19.97 41.29
CA ALA A 247 -7.95 -21.01 40.65
C ALA A 247 -8.67 -22.32 40.75
N GLY A 248 -8.31 -23.27 39.88
CA GLY A 248 -8.78 -24.64 39.99
C GLY A 248 -9.78 -25.12 38.95
N VAL A 249 -10.05 -26.42 38.96
CA VAL A 249 -10.99 -27.02 38.00
C VAL A 249 -12.09 -27.80 38.75
N PRO A 250 -13.26 -27.17 39.02
CA PRO A 250 -13.64 -25.82 38.62
C PRO A 250 -13.02 -24.77 39.54
N ALA A 251 -13.10 -23.50 39.16
CA ALA A 251 -12.43 -22.42 39.86
C ALA A 251 -13.10 -22.14 41.21
N ARG A 252 -12.27 -21.80 42.19
CA ARG A 252 -12.72 -21.40 43.53
C ARG A 252 -11.89 -20.21 43.92
N ILE A 253 -12.47 -19.32 44.74
CA ILE A 253 -11.73 -18.18 45.27
C ILE A 253 -10.59 -18.67 46.12
N ILE A 254 -9.39 -18.20 45.83
CA ILE A 254 -8.20 -18.63 46.56
C ILE A 254 -7.62 -17.46 47.32
N GLY A 255 -8.19 -16.27 47.14
CA GLY A 255 -7.69 -15.11 47.82
C GLY A 255 -8.22 -13.78 47.35
N GLU A 256 -7.66 -12.72 47.90
CA GLU A 256 -8.12 -11.37 47.67
C GLU A 256 -7.09 -10.63 46.84
N THR A 257 -7.51 -9.70 45.99
CA THR A 257 -6.54 -9.01 45.14
C THR A 257 -6.97 -7.58 44.85
N GLY A 258 -6.01 -6.69 44.60
CA GLY A 258 -6.32 -5.31 44.23
C GLY A 258 -5.97 -5.05 42.78
N CYS A 259 -6.34 -3.87 42.26
CA CYS A 259 -5.96 -3.43 40.90
C CYS A 259 -4.59 -2.75 40.79
N THR A 260 -4.25 -2.38 39.55
CA THR A 260 -2.97 -1.77 39.12
C THR A 260 -1.80 -2.75 39.22
N VAL B 16 -13.88 20.96 -10.33
CA VAL B 16 -14.04 19.65 -11.01
C VAL B 16 -12.65 18.99 -11.23
N ASP B 17 -12.68 17.72 -11.61
CA ASP B 17 -11.50 16.97 -12.02
C ASP B 17 -12.12 15.97 -13.00
N PRO B 18 -12.41 16.42 -14.23
CA PRO B 18 -13.28 15.57 -15.06
C PRO B 18 -12.62 14.25 -15.50
N ILE B 19 -11.30 14.22 -15.60
CA ILE B 19 -10.63 12.99 -15.97
C ILE B 19 -10.86 11.98 -14.85
N TRP B 20 -10.60 12.38 -13.61
CA TRP B 20 -10.82 11.49 -12.45
C TRP B 20 -12.25 11.03 -12.29
N HIS B 21 -13.22 11.92 -12.44
CA HIS B 21 -14.62 11.52 -12.24
C HIS B 21 -15.07 10.54 -13.29
N SER B 22 -14.56 10.69 -14.52
CA SER B 22 -14.90 9.78 -15.61
C SER B 22 -14.30 8.43 -15.36
N ILE B 23 -13.07 8.43 -14.88
CA ILE B 23 -12.35 7.18 -14.57
C ILE B 23 -13.12 6.37 -13.49
N ARG B 24 -13.60 7.03 -12.44
CA ARG B 24 -14.35 6.39 -11.35
C ARG B 24 -15.69 5.84 -11.86
N ALA B 25 -16.44 6.64 -12.63
CA ALA B 25 -17.68 6.13 -13.25
C ALA B 25 -17.44 4.88 -14.15
N GLU B 26 -16.39 4.92 -14.99
CA GLU B 26 -16.02 3.75 -15.81
C GLU B 26 -15.68 2.48 -14.98
N ALA B 27 -14.88 2.64 -13.93
CA ALA B 27 -14.50 1.54 -13.06
C ALA B 27 -15.70 0.90 -12.36
N GLU B 28 -16.62 1.74 -11.88
CA GLU B 28 -17.89 1.27 -11.28
C GLU B 28 -18.68 0.48 -12.30
N GLU B 29 -18.80 1.00 -13.52
CA GLU B 29 -19.54 0.27 -14.57
C GLU B 29 -18.86 -1.05 -14.92
N ALA B 30 -17.55 -0.96 -15.13
CA ALA B 30 -16.72 -2.15 -15.40
C ALA B 30 -16.89 -3.25 -14.34
N THR B 31 -17.00 -2.85 -13.07
CA THR B 31 -17.16 -3.79 -11.95
C THR B 31 -18.53 -4.48 -11.95
N ARG B 32 -19.62 -3.71 -12.11
CA ARG B 32 -20.97 -4.27 -12.30
C ARG B 32 -21.02 -5.25 -13.45
N ASN B 33 -20.37 -4.86 -14.55
CA ASN B 33 -20.38 -5.66 -15.77
C ASN B 33 -19.58 -6.95 -15.63
N ASP B 34 -18.53 -6.92 -14.82
CA ASP B 34 -17.67 -8.12 -14.69
C ASP B 34 -17.15 -8.22 -13.22
N PRO B 35 -18.02 -8.73 -12.31
CA PRO B 35 -17.67 -8.78 -10.87
C PRO B 35 -16.35 -9.40 -10.42
N VAL B 36 -15.85 -10.41 -11.13
CA VAL B 36 -14.56 -11.03 -10.77
C VAL B 36 -13.36 -10.06 -10.86
N LEU B 37 -13.53 -8.96 -11.59
CA LEU B 37 -12.49 -7.92 -11.67
C LEU B 37 -12.67 -6.84 -10.63
N GLY B 38 -13.61 -7.07 -9.71
CA GLY B 38 -13.89 -6.11 -8.64
C GLY B 38 -12.70 -5.88 -7.74
N ALA B 39 -11.91 -6.91 -7.46
CA ALA B 39 -10.76 -6.70 -6.58
C ALA B 39 -9.74 -5.79 -7.27
N PHE B 40 -9.45 -6.09 -8.54
CA PHE B 40 -8.58 -5.24 -9.38
C PHE B 40 -9.04 -3.79 -9.44
N LEU B 41 -10.31 -3.59 -9.80
CA LEU B 41 -10.83 -2.24 -10.03
C LEU B 41 -11.07 -1.44 -8.76
N TYR B 42 -11.44 -2.08 -7.65
CA TYR B 42 -11.51 -1.34 -6.38
C TYR B 42 -10.16 -1.05 -5.80
N ALA B 43 -9.23 -2.02 -5.85
CA ALA B 43 -7.90 -1.76 -5.25
C ALA B 43 -7.17 -0.62 -6.02
N THR B 44 -7.41 -0.57 -7.33
CA THR B 44 -6.62 0.35 -8.12
C THR B 44 -7.27 1.68 -8.43
N ILE B 45 -8.59 1.69 -8.53
CA ILE B 45 -9.31 2.96 -8.77
C ILE B 45 -10.23 3.36 -7.60
N LEU B 46 -11.22 2.51 -7.35
CA LEU B 46 -12.38 2.97 -6.63
C LEU B 46 -12.11 3.25 -5.15
N ASN B 47 -11.16 2.53 -4.56
CA ASN B 47 -10.78 2.80 -3.15
C ASN B 47 -9.73 3.91 -3.06
N GLN B 48 -9.24 4.40 -4.19
CA GLN B 48 -8.25 5.47 -4.19
C GLN B 48 -8.94 6.83 -4.04
N PRO B 49 -8.32 7.72 -3.26
CA PRO B 49 -8.87 9.07 -3.06
C PRO B 49 -8.52 10.07 -4.19
N SER B 50 -7.66 9.66 -5.12
CA SER B 50 -7.25 10.53 -6.24
C SER B 50 -6.68 9.77 -7.44
N LEU B 51 -6.73 10.42 -8.61
CA LEU B 51 -6.12 9.88 -9.83
C LEU B 51 -4.63 9.62 -9.59
N GLU B 52 -3.98 10.54 -8.88
CA GLU B 52 -2.54 10.40 -8.61
C GLU B 52 -2.21 9.08 -7.93
N GLU B 53 -2.98 8.78 -6.90
CA GLU B 53 -2.78 7.57 -6.10
C GLU B 53 -3.22 6.36 -6.88
N ALA B 54 -4.25 6.49 -7.71
CA ALA B 54 -4.57 5.39 -8.65
C ALA B 54 -3.39 5.06 -9.60
N VAL B 55 -2.82 6.09 -10.22
CA VAL B 55 -1.75 5.87 -11.20
C VAL B 55 -0.50 5.27 -10.50
N MET B 56 -0.14 5.83 -9.36
CA MET B 56 1.04 5.35 -8.65
C MET B 56 0.85 3.94 -8.16
N HIS B 57 -0.36 3.62 -7.73
CA HIS B 57 -0.71 2.26 -7.33
C HIS B 57 -0.60 1.23 -8.45
N ARG B 58 -1.26 1.46 -9.59
CA ARG B 58 -1.15 0.53 -10.73
C ARG B 58 0.32 0.25 -11.11
N ILE B 59 1.08 1.32 -11.25
CA ILE B 59 2.45 1.20 -11.72
C ILE B 59 3.30 0.43 -10.66
N ALA B 60 3.13 0.78 -9.37
CA ALA B 60 3.84 0.02 -8.33
C ALA B 60 3.49 -1.48 -8.36
N GLU B 61 2.21 -1.78 -8.57
CA GLU B 61 1.76 -3.19 -8.65
C GLU B 61 2.35 -3.90 -9.87
N ARG B 62 2.43 -3.20 -11.03
CA ARG B 62 3.05 -3.83 -12.21
C ARG B 62 4.53 -3.99 -11.99
N LEU B 63 5.16 -3.07 -11.29
CA LEU B 63 6.62 -3.19 -11.14
C LEU B 63 7.12 -3.98 -9.91
N GLY B 64 6.25 -4.18 -8.92
CA GLY B 64 6.59 -4.91 -7.70
C GLY B 64 7.13 -6.31 -7.95
N HIS B 65 8.05 -6.71 -7.09
CA HIS B 65 8.71 -7.97 -7.21
C HIS B 65 9.28 -8.35 -5.85
N PRO B 66 9.53 -9.66 -5.58
CA PRO B 66 10.23 -10.02 -4.32
C PRO B 66 11.49 -9.19 -4.06
N ASP B 67 12.20 -8.79 -5.12
CA ASP B 67 13.39 -7.98 -4.94
C ASP B 67 13.10 -6.62 -4.30
N VAL B 68 12.03 -5.96 -4.74
CA VAL B 68 11.66 -4.67 -4.18
C VAL B 68 10.13 -4.59 -4.27
N SER B 69 9.43 -4.67 -3.13
CA SER B 69 7.96 -4.73 -3.12
C SER B 69 7.25 -3.56 -3.82
N ALA B 70 6.06 -3.83 -4.31
CA ALA B 70 5.14 -2.80 -4.73
C ALA B 70 4.95 -1.70 -3.71
N ASP B 71 4.88 -2.03 -2.41
CA ASP B 71 4.81 -1.04 -1.35
C ASP B 71 5.93 -0.03 -1.33
N ILE B 72 7.16 -0.50 -1.35
CA ILE B 72 8.32 0.35 -1.36
C ILE B 72 8.27 1.25 -2.59
N LEU B 73 7.91 0.68 -3.74
CA LEU B 73 7.79 1.48 -4.99
C LEU B 73 6.72 2.58 -4.85
N ARG B 74 5.57 2.23 -4.29
CA ARG B 74 4.45 3.14 -4.10
C ARG B 74 4.78 4.25 -3.10
N GLN B 75 5.41 3.88 -1.98
CA GLN B 75 5.89 4.88 -0.97
C GLN B 75 6.90 5.87 -1.55
N THR B 76 7.82 5.35 -2.36
CA THR B 76 8.79 6.21 -3.07
C THR B 76 8.12 7.18 -4.07
N PHE B 77 7.23 6.67 -4.91
CA PHE B 77 6.33 7.42 -5.75
C PHE B 77 5.60 8.54 -4.96
N ASP B 78 5.11 8.20 -3.75
CA ASP B 78 4.42 9.23 -2.93
C ASP B 78 5.39 10.36 -2.61
N THR B 79 6.62 10.03 -2.24
CA THR B 79 7.58 11.07 -1.93
C THR B 79 7.84 11.92 -3.20
N MET B 80 7.85 11.31 -4.39
CA MET B 80 8.12 12.06 -5.62
C MET B 80 6.99 13.06 -5.88
N LEU B 81 5.75 12.61 -5.69
CA LEU B 81 4.59 13.47 -5.91
C LEU B 81 4.59 14.66 -4.94
N GLU B 82 4.92 14.38 -3.68
CA GLU B 82 5.03 15.39 -2.65
C GLU B 82 6.06 16.47 -3.07
N ALA B 83 7.20 16.04 -3.60
CA ALA B 83 8.27 16.95 -4.06
C ALA B 83 7.95 17.61 -5.40
N ASN B 84 7.02 17.05 -6.18
CA ASN B 84 6.71 17.57 -7.52
C ASN B 84 5.21 17.74 -7.74
N PRO B 85 4.58 18.72 -7.07
CA PRO B 85 3.13 18.89 -7.28
C PRO B 85 2.76 19.12 -8.75
N GLU B 86 3.69 19.62 -9.55
CA GLU B 86 3.47 19.81 -11.00
C GLU B 86 3.14 18.50 -11.68
N TRP B 87 3.59 17.38 -11.13
CA TRP B 87 3.19 16.08 -11.72
C TRP B 87 1.66 15.85 -11.83
N SER B 88 0.87 16.39 -10.92
CA SER B 88 -0.61 16.40 -11.07
C SER B 88 -1.10 16.88 -12.43
N HIS B 89 -0.55 18.01 -12.86
CA HIS B 89 -0.85 18.55 -14.20
C HIS B 89 -0.28 17.68 -15.31
N VAL B 90 1.02 17.37 -15.24
CA VAL B 90 1.68 16.56 -16.30
C VAL B 90 0.96 15.23 -16.53
N LEU B 91 0.60 14.58 -15.43
CA LEU B 91 -0.09 13.30 -15.47
C LEU B 91 -1.36 13.35 -16.33
N ARG B 92 -2.13 14.42 -16.12
CA ARG B 92 -3.40 14.61 -16.75
C ARG B 92 -3.25 14.96 -18.23
N VAL B 93 -2.25 15.79 -18.55
CA VAL B 93 -1.99 16.09 -19.96
C VAL B 93 -1.50 14.83 -20.69
N ASP B 94 -0.78 13.96 -19.98
CA ASP B 94 -0.32 12.69 -20.54
C ASP B 94 -1.46 11.72 -20.84
N ILE B 95 -2.43 11.63 -19.92
CA ILE B 95 -3.65 10.83 -20.10
C ILE B 95 -4.47 11.36 -21.28
N GLN B 96 -4.64 12.68 -21.28
CA GLN B 96 -5.27 13.43 -22.37
C GLN B 96 -4.66 13.22 -23.76
N ALA B 97 -3.32 13.10 -23.84
CA ALA B 97 -2.60 12.75 -25.09
C ALA B 97 -3.01 11.38 -25.65
N VAL B 98 -3.15 10.39 -24.78
CA VAL B 98 -3.69 9.08 -25.18
C VAL B 98 -5.12 9.20 -25.73
N TYR B 99 -5.99 9.81 -24.92
CA TYR B 99 -7.41 9.96 -25.26
C TYR B 99 -7.57 10.65 -26.64
N ASP B 100 -6.84 11.73 -26.85
CA ASP B 100 -6.94 12.50 -28.09
C ASP B 100 -6.25 11.88 -29.32
N ARG B 101 -5.18 11.10 -29.11
CA ARG B 101 -4.34 10.57 -30.21
C ARG B 101 -4.52 9.08 -30.56
N ASP B 102 -5.07 8.27 -29.66
CA ASP B 102 -5.33 6.86 -29.99
C ASP B 102 -6.81 6.53 -30.21
N PRO B 103 -7.19 6.21 -31.46
CA PRO B 103 -8.53 5.72 -31.78
C PRO B 103 -8.92 4.33 -31.19
N ALA B 104 -7.95 3.51 -30.79
CA ALA B 104 -8.26 2.13 -30.37
C ALA B 104 -8.96 1.93 -29.01
N TYR B 105 -8.95 2.97 -28.18
CA TYR B 105 -9.48 2.95 -26.81
C TYR B 105 -10.33 4.19 -26.72
N SER B 106 -11.44 4.13 -26.00
CA SER B 106 -12.28 5.33 -25.83
C SER B 106 -12.48 5.73 -24.37
N ARG B 107 -11.54 5.35 -23.50
CA ARG B 107 -11.69 5.71 -22.09
C ARG B 107 -10.48 6.34 -21.42
N PHE B 108 -10.73 7.33 -20.58
CA PHE B 108 -9.67 7.86 -19.75
C PHE B 108 -9.00 6.78 -18.90
N MET B 109 -9.77 5.76 -18.55
CA MET B 109 -9.30 4.68 -17.65
C MET B 109 -8.28 3.79 -18.32
N ASP B 110 -8.30 3.73 -19.67
CA ASP B 110 -7.50 2.71 -20.40
C ASP B 110 -5.97 2.88 -20.21
N PRO B 111 -5.43 4.09 -20.39
CA PRO B 111 -4.01 4.26 -20.12
C PRO B 111 -3.65 3.98 -18.67
N VAL B 112 -4.46 4.50 -17.74
CA VAL B 112 -4.27 4.26 -16.32
C VAL B 112 -4.10 2.75 -16.01
N LEU B 113 -5.06 1.95 -16.46
CA LEU B 113 -5.04 0.50 -16.14
C LEU B 113 -4.12 -0.36 -16.99
N TYR B 114 -4.00 -0.02 -18.29
CA TYR B 114 -3.63 -1.02 -19.29
C TYR B 114 -2.39 -0.72 -20.13
N LEU B 115 -2.08 0.57 -20.32
CA LEU B 115 -1.14 0.91 -21.39
C LEU B 115 0.28 1.07 -20.86
N LYS B 116 1.12 0.08 -21.18
CA LYS B 116 2.51 0.04 -20.63
C LYS B 116 3.34 1.26 -21.05
N GLY B 117 3.05 1.82 -22.23
CA GLY B 117 3.66 3.07 -22.62
C GLY B 117 3.40 4.17 -21.63
N PHE B 118 2.12 4.38 -21.33
CA PHE B 118 1.77 5.36 -20.30
C PHE B 118 2.46 5.03 -18.95
N HIS B 119 2.38 3.79 -18.49
CA HIS B 119 3.09 3.40 -17.25
C HIS B 119 4.57 3.68 -17.31
N ALA B 120 5.18 3.48 -18.49
CA ALA B 120 6.63 3.62 -18.61
C ALA B 120 7.00 5.09 -18.50
N ILE B 121 6.16 5.97 -19.04
CA ILE B 121 6.51 7.40 -18.99
C ILE B 121 6.59 7.86 -17.52
N GLN B 122 5.59 7.51 -16.73
CA GLN B 122 5.55 7.95 -15.31
C GLN B 122 6.63 7.26 -14.47
N THR B 123 6.94 6.02 -14.84
CA THR B 123 8.04 5.29 -14.23
C THR B 123 9.33 6.05 -14.46
N HIS B 124 9.58 6.49 -15.70
CA HIS B 124 10.76 7.29 -15.97
C HIS B 124 10.83 8.57 -15.17
N ARG B 125 9.70 9.27 -15.07
CA ARG B 125 9.57 10.50 -14.26
C ARG B 125 9.97 10.22 -12.82
N LEU B 126 9.57 9.05 -12.31
CA LEU B 126 10.01 8.66 -10.97
C LEU B 126 11.54 8.37 -10.93
N ALA B 127 12.01 7.52 -11.84
CA ALA B 127 13.41 7.12 -11.90
C ALA B 127 14.33 8.35 -12.07
N HIS B 128 13.84 9.31 -12.88
CA HIS B 128 14.58 10.55 -13.20
C HIS B 128 14.71 11.40 -11.99
N TRP B 129 13.62 11.50 -11.24
CA TRP B 129 13.65 12.27 -10.02
C TRP B 129 14.62 11.67 -8.99
N LEU B 130 14.51 10.36 -8.77
CA LEU B 130 15.48 9.61 -7.95
C LEU B 130 16.93 9.79 -8.36
N TYR B 131 17.19 9.69 -9.66
CA TYR B 131 18.53 9.87 -10.21
C TYR B 131 19.08 11.25 -9.81
N LYS B 132 18.28 12.30 -10.00
CA LYS B 132 18.65 13.67 -9.59
C LYS B 132 18.85 13.86 -8.07
N GLN B 133 18.19 13.02 -7.27
CA GLN B 133 18.34 13.03 -5.79
C GLN B 133 19.60 12.31 -5.34
N GLY B 134 20.26 11.58 -6.25
CA GLY B 134 21.44 10.81 -5.91
C GLY B 134 21.05 9.43 -5.42
N ARG B 135 19.80 9.04 -5.71
CA ARG B 135 19.32 7.70 -5.44
C ARG B 135 19.42 6.85 -6.74
N LYS B 136 20.67 6.74 -7.20
CA LYS B 136 21.11 6.13 -8.45
C LYS B 136 20.70 4.70 -8.59
N ASP B 137 20.89 3.94 -7.52
CA ASP B 137 20.49 2.57 -7.53
C ASP B 137 18.97 2.36 -7.70
N PHE B 138 18.18 3.11 -6.93
CA PHE B 138 16.74 3.03 -7.08
C PHE B 138 16.38 3.36 -8.55
N ALA B 139 16.99 4.43 -9.07
CA ALA B 139 16.77 4.87 -10.46
C ALA B 139 17.13 3.76 -11.44
N TYR B 140 18.28 3.14 -11.28
CA TYR B 140 18.67 2.05 -12.18
C TYR B 140 17.76 0.85 -11.98
N TYR B 141 17.36 0.63 -10.72
CA TYR B 141 16.51 -0.51 -10.49
C TYR B 141 15.21 -0.33 -11.26
N LEU B 142 14.62 0.86 -11.18
CA LEU B 142 13.39 1.10 -11.90
C LEU B 142 13.59 1.05 -13.43
N GLN B 143 14.72 1.58 -13.92
CA GLN B 143 15.06 1.49 -15.39
C GLN B 143 15.07 0.02 -15.81
N SER B 144 15.70 -0.80 -14.97
CA SER B 144 15.88 -2.22 -15.25
C SER B 144 14.57 -2.97 -15.21
N ARG B 145 13.76 -2.65 -14.20
CA ARG B 145 12.49 -3.31 -14.11
C ARG B 145 11.53 -2.86 -15.23
N SER B 146 11.52 -1.56 -15.51
CA SER B 146 10.72 -1.05 -16.66
C SER B 146 11.16 -1.68 -17.99
N SER B 147 12.47 -1.82 -18.17
CA SER B 147 13.00 -2.45 -19.38
C SER B 147 12.49 -3.92 -19.50
N SER B 148 12.38 -4.61 -18.35
CA SER B 148 11.95 -6.01 -18.36
C SER B 148 10.43 -6.22 -18.48
N ILE B 149 9.66 -5.32 -17.89
CA ILE B 149 8.21 -5.52 -17.76
C ILE B 149 7.39 -4.72 -18.76
N PHE B 150 7.91 -3.54 -19.13
CA PHE B 150 7.23 -2.65 -20.07
C PHE B 150 7.97 -2.64 -21.39
N GLN B 151 9.14 -3.30 -21.45
CA GLN B 151 10.07 -3.31 -22.62
C GLN B 151 10.52 -1.94 -23.12
N THR B 152 10.56 -1.00 -22.17
CA THR B 152 10.99 0.37 -22.40
C THR B 152 12.28 0.57 -21.60
N ASP B 153 13.40 0.78 -22.32
CA ASP B 153 14.71 1.04 -21.68
C ASP B 153 15.03 2.54 -21.81
N ILE B 154 14.65 3.29 -20.78
CA ILE B 154 14.88 4.73 -20.77
C ILE B 154 15.91 5.06 -19.70
N HIS B 155 17.03 5.65 -20.11
CA HIS B 155 18.05 6.00 -19.12
C HIS B 155 17.51 7.07 -18.19
N PRO B 156 17.69 6.92 -16.85
CA PRO B 156 17.03 7.87 -15.93
C PRO B 156 17.43 9.33 -16.10
N ALA B 157 18.57 9.58 -16.72
CA ALA B 157 19.03 10.96 -16.97
C ALA B 157 18.37 11.55 -18.23
N ALA B 158 17.71 10.72 -19.06
CA ALA B 158 16.90 11.26 -20.16
C ALA B 158 15.87 12.32 -19.68
N ARG B 159 15.52 13.28 -20.54
CA ARG B 159 14.49 14.26 -20.19
C ARG B 159 13.27 14.18 -21.11
N LEU B 160 12.10 13.90 -20.54
CA LEU B 160 10.87 13.75 -21.30
C LEU B 160 9.88 14.87 -20.95
N GLY B 161 9.35 15.51 -21.98
CA GLY B 161 8.34 16.54 -21.75
C GLY B 161 7.01 15.93 -21.38
N SER B 162 6.02 16.79 -21.24
CA SER B 162 4.62 16.44 -20.98
C SER B 162 3.80 16.24 -22.27
N GLY B 163 2.59 15.68 -22.14
CA GLY B 163 1.77 15.30 -23.30
C GLY B 163 2.50 14.32 -24.21
N LEU B 164 3.30 13.46 -23.60
CA LEU B 164 3.99 12.39 -24.33
C LEU B 164 3.08 11.17 -24.48
N PHE B 165 2.99 10.71 -25.71
CA PHE B 165 2.22 9.53 -26.09
C PHE B 165 3.18 8.40 -26.54
N LEU B 166 3.20 7.33 -25.76
CA LEU B 166 4.06 6.21 -26.04
C LEU B 166 3.14 5.08 -26.48
N ASP B 167 2.91 4.98 -27.79
CA ASP B 167 1.95 4.00 -28.35
C ASP B 167 2.62 2.64 -28.59
N HIS B 168 2.04 1.59 -27.96
CA HIS B 168 2.49 0.16 -28.02
C HIS B 168 3.79 -0.06 -27.27
N ALA B 169 4.75 0.87 -27.45
CA ALA B 169 5.96 1.01 -26.63
C ALA B 169 7.01 -0.08 -26.75
N THR B 170 6.64 -1.33 -27.02
CA THR B 170 7.65 -2.44 -26.92
C THR B 170 8.97 -2.10 -27.67
N GLY B 171 10.12 -2.16 -26.97
CA GLY B 171 11.40 -2.02 -27.61
C GLY B 171 11.98 -0.60 -27.68
N LEU B 172 11.31 0.34 -27.04
CA LEU B 172 11.80 1.70 -26.96
C LEU B 172 13.12 1.70 -26.22
N VAL B 173 14.09 2.43 -26.76
CA VAL B 173 15.36 2.69 -26.11
C VAL B 173 15.66 4.20 -26.18
N VAL B 174 15.95 4.79 -25.04
CA VAL B 174 16.27 6.22 -24.96
C VAL B 174 17.54 6.38 -24.13
N GLY B 175 18.53 7.02 -24.76
CA GLY B 175 19.83 7.19 -24.14
C GLY B 175 19.89 8.28 -23.08
N GLU B 176 21.01 8.26 -22.36
CA GLU B 176 21.31 9.19 -21.26
C GLU B 176 21.15 10.68 -21.55
N THR B 177 21.55 11.12 -22.74
CA THR B 177 21.55 12.55 -23.03
C THR B 177 20.40 12.91 -23.97
N ALA B 178 19.45 12.00 -24.19
CA ALA B 178 18.30 12.30 -25.07
C ALA B 178 17.38 13.26 -24.37
N VAL B 179 16.81 14.17 -25.16
CA VAL B 179 15.77 15.11 -24.72
C VAL B 179 14.55 14.98 -25.64
N VAL B 180 13.39 14.77 -25.03
CA VAL B 180 12.13 14.77 -25.76
C VAL B 180 11.27 15.90 -25.23
N GLU B 181 10.84 16.81 -26.11
CA GLU B 181 10.08 17.96 -25.69
C GLU B 181 8.58 17.63 -25.63
N ASP B 182 7.74 18.64 -25.35
CA ASP B 182 6.32 18.42 -25.13
C ASP B 182 5.55 18.01 -26.35
N ASN B 183 4.44 17.29 -26.12
CA ASN B 183 3.50 16.88 -27.18
C ASN B 183 4.09 16.04 -28.32
N VAL B 184 4.92 15.08 -27.93
CA VAL B 184 5.56 14.18 -28.87
C VAL B 184 4.81 12.84 -28.82
N SER B 185 4.73 12.16 -29.95
CA SER B 185 4.18 10.79 -30.01
C SER B 185 5.24 9.85 -30.55
N ILE B 186 5.41 8.74 -29.83
CA ILE B 186 6.45 7.81 -30.13
C ILE B 186 5.88 6.39 -30.22
N LEU B 187 6.19 5.71 -31.32
CA LEU B 187 5.73 4.34 -31.51
C LEU B 187 6.69 3.30 -30.90
N HIS B 188 6.32 2.03 -30.98
CA HIS B 188 7.20 0.93 -30.53
C HIS B 188 8.39 0.75 -31.45
N GLY B 189 9.47 0.19 -30.91
CA GLY B 189 10.64 -0.16 -31.70
C GLY B 189 11.53 1.03 -32.00
N VAL B 190 11.30 2.14 -31.30
CA VAL B 190 12.05 3.38 -31.57
C VAL B 190 13.31 3.45 -30.73
N THR B 191 14.45 3.77 -31.36
CA THR B 191 15.70 4.05 -30.65
C THR B 191 16.02 5.52 -30.75
N LEU B 192 16.17 6.15 -29.60
CA LEU B 192 16.79 7.46 -29.51
C LEU B 192 18.16 7.23 -28.86
N GLY B 193 19.15 7.00 -29.70
CA GLY B 193 20.45 6.48 -29.28
C GLY B 193 21.64 7.14 -29.93
N GLY B 194 22.81 6.52 -29.75
CA GLY B 194 24.09 7.11 -30.17
C GLY B 194 24.74 6.42 -31.37
N THR B 195 25.75 7.07 -31.94
CA THR B 195 26.33 6.57 -33.19
C THR B 195 27.51 5.65 -32.96
N GLY B 196 28.37 5.99 -31.99
CA GLY B 196 29.60 5.22 -31.77
C GLY B 196 30.81 6.07 -31.40
N LYS B 197 30.93 7.26 -31.99
CA LYS B 197 31.94 8.24 -31.55
C LYS B 197 31.31 9.04 -30.42
N SER B 198 30.93 8.34 -29.36
CA SER B 198 30.01 8.87 -28.36
C SER B 198 30.66 9.01 -26.98
N SER B 199 31.03 10.26 -26.65
CA SER B 199 31.53 10.56 -25.31
C SER B 199 30.46 11.23 -24.46
N GLY B 200 30.22 12.51 -24.73
CA GLY B 200 29.35 13.32 -23.89
C GLY B 200 27.93 13.32 -24.41
N ASP B 201 27.45 14.49 -24.81
CA ASP B 201 26.16 14.65 -25.43
C ASP B 201 26.10 13.90 -26.77
N ARG B 202 25.34 12.80 -26.82
CA ARG B 202 25.48 11.86 -27.92
C ARG B 202 24.17 11.24 -28.41
N HIS B 203 23.04 11.78 -27.95
CA HIS B 203 21.71 11.21 -28.20
C HIS B 203 20.77 12.29 -28.67
N PRO B 204 19.70 11.91 -29.37
CA PRO B 204 18.85 12.90 -30.07
C PRO B 204 18.12 13.88 -29.17
N LYS B 205 17.85 15.06 -29.74
CA LYS B 205 16.98 16.05 -29.13
C LYS B 205 15.72 16.17 -29.94
N ILE B 206 14.59 15.75 -29.38
CA ILE B 206 13.32 15.71 -30.12
C ILE B 206 12.43 16.92 -29.79
N ARG B 207 12.17 17.77 -30.78
CA ARG B 207 11.40 18.99 -30.50
C ARG B 207 9.89 18.75 -30.48
N GLN B 208 9.14 19.79 -30.09
CA GLN B 208 7.69 19.74 -29.86
C GLN B 208 6.89 19.26 -31.03
N GLY B 209 5.86 18.46 -30.74
CA GLY B 209 4.89 18.05 -31.74
C GLY B 209 5.37 17.03 -32.75
N VAL B 210 6.54 16.44 -32.53
CA VAL B 210 7.04 15.37 -33.40
C VAL B 210 6.26 14.07 -33.26
N LEU B 211 6.10 13.36 -34.38
CA LEU B 211 5.63 11.98 -34.41
C LEU B 211 6.77 11.07 -34.90
N ILE B 212 7.07 10.03 -34.13
CA ILE B 212 8.12 9.09 -34.52
C ILE B 212 7.53 7.69 -34.72
N GLY B 213 7.58 7.21 -35.96
CA GLY B 213 6.88 6.00 -36.35
C GLY B 213 7.59 4.74 -35.92
N ALA B 214 6.90 3.61 -36.07
CA ALA B 214 7.38 2.32 -35.55
C ALA B 214 8.72 1.89 -36.12
N GLY B 215 9.61 1.46 -35.24
CA GLY B 215 10.89 0.94 -35.66
C GLY B 215 11.96 1.96 -36.04
N ALA B 216 11.66 3.26 -35.97
CA ALA B 216 12.60 4.27 -36.41
C ALA B 216 13.80 4.32 -35.46
N LYS B 217 14.99 4.55 -36.00
CA LYS B 217 16.19 4.76 -35.21
C LYS B 217 16.69 6.16 -35.49
N ILE B 218 16.86 6.93 -34.43
CA ILE B 218 17.38 8.27 -34.51
C ILE B 218 18.69 8.28 -33.74
N LEU B 219 19.79 8.48 -34.44
CA LEU B 219 21.10 8.23 -33.82
C LEU B 219 22.05 9.42 -33.83
N GLY B 220 22.66 9.69 -32.68
CA GLY B 220 23.60 10.81 -32.53
C GLY B 220 23.02 12.05 -31.89
N ASN B 221 23.87 13.04 -31.62
CA ASN B 221 23.43 14.31 -31.05
C ASN B 221 22.82 15.20 -32.13
N ILE B 222 21.69 14.77 -32.66
CA ILE B 222 21.04 15.47 -33.73
C ILE B 222 19.65 15.87 -33.27
N GLN B 223 19.09 16.83 -33.99
CA GLN B 223 17.80 17.35 -33.64
C GLN B 223 16.71 16.91 -34.63
N VAL B 224 15.51 16.60 -34.13
CA VAL B 224 14.33 16.47 -35.01
C VAL B 224 13.46 17.68 -34.74
N GLY B 225 13.28 18.53 -35.75
CA GLY B 225 12.61 19.80 -35.59
C GLY B 225 11.13 19.69 -35.29
N GLN B 226 10.59 20.79 -34.81
CA GLN B 226 9.23 20.89 -34.38
C GLN B 226 8.25 20.39 -35.46
N CYS B 227 7.22 19.64 -35.05
CA CYS B 227 6.16 19.15 -35.96
C CYS B 227 6.59 18.18 -37.06
N SER B 228 7.84 17.76 -37.06
CA SER B 228 8.27 16.78 -38.03
C SER B 228 7.77 15.34 -37.77
N LYS B 229 7.63 14.56 -38.84
CA LYS B 229 7.23 13.16 -38.75
C LYS B 229 8.34 12.25 -39.26
N ILE B 230 8.63 11.20 -38.48
CA ILE B 230 9.62 10.19 -38.85
C ILE B 230 8.84 8.93 -39.23
N ALA B 231 8.90 8.54 -40.50
CA ALA B 231 8.09 7.39 -40.99
C ALA B 231 8.60 6.11 -40.36
N ALA B 232 7.76 5.08 -40.32
CA ALA B 232 8.13 3.81 -39.72
C ALA B 232 9.38 3.28 -40.40
N GLY B 233 10.35 2.81 -39.62
CA GLY B 233 11.52 2.16 -40.18
C GLY B 233 12.66 3.07 -40.65
N SER B 234 12.54 4.38 -40.44
CA SER B 234 13.60 5.29 -40.89
C SER B 234 14.86 5.10 -40.07
N VAL B 235 16.04 5.22 -40.69
CA VAL B 235 17.27 5.42 -39.89
C VAL B 235 17.71 6.87 -40.07
N VAL B 236 17.60 7.67 -39.01
CA VAL B 236 17.80 9.12 -39.07
C VAL B 236 19.17 9.48 -38.50
N LEU B 237 20.09 9.91 -39.37
CA LEU B 237 21.49 10.14 -38.98
C LEU B 237 21.89 11.63 -39.07
N LYS B 238 21.01 12.42 -39.63
CA LYS B 238 21.24 13.84 -39.73
C LYS B 238 20.02 14.53 -39.15
N SER B 239 20.26 15.68 -38.51
CA SER B 239 19.21 16.53 -38.00
C SER B 239 18.09 16.74 -39.02
N VAL B 240 16.85 16.81 -38.54
CA VAL B 240 15.67 16.97 -39.37
C VAL B 240 15.06 18.36 -39.07
N PRO B 241 14.86 19.19 -40.12
CA PRO B 241 14.28 20.53 -39.96
C PRO B 241 12.85 20.43 -39.51
N HIS B 242 12.30 21.55 -39.05
CA HIS B 242 10.92 21.62 -38.64
C HIS B 242 9.98 21.34 -39.79
N ASN B 243 8.75 20.94 -39.47
CA ASN B 243 7.66 20.76 -40.44
C ASN B 243 7.87 19.88 -41.66
N VAL B 244 8.69 18.84 -41.52
CA VAL B 244 8.90 17.91 -42.63
C VAL B 244 8.61 16.46 -42.23
N THR B 245 8.23 15.65 -43.23
CA THR B 245 8.21 14.21 -43.12
C THR B 245 9.51 13.60 -43.69
N VAL B 246 10.19 12.78 -42.86
CA VAL B 246 11.33 12.00 -43.37
C VAL B 246 11.00 10.49 -43.44
N ALA B 247 11.60 9.80 -44.41
CA ALA B 247 11.42 8.34 -44.54
C ALA B 247 12.66 7.67 -45.15
N GLY B 248 12.85 6.38 -44.88
CA GLY B 248 13.91 5.61 -45.54
C GLY B 248 15.18 5.29 -44.78
N VAL B 249 15.99 4.42 -45.38
CA VAL B 249 17.27 3.96 -44.81
C VAL B 249 18.45 4.26 -45.76
N PRO B 250 19.11 5.42 -45.61
CA PRO B 250 18.91 6.46 -44.59
C PRO B 250 17.71 7.36 -44.90
N ALA B 251 17.27 8.14 -43.90
CA ALA B 251 16.08 8.97 -44.05
C ALA B 251 16.30 10.16 -45.00
N ARG B 252 15.26 10.47 -45.77
CA ARG B 252 15.24 11.61 -46.69
C ARG B 252 13.95 12.38 -46.43
N ILE B 253 13.98 13.69 -46.62
CA ILE B 253 12.73 14.45 -46.63
C ILE B 253 11.87 13.96 -47.80
N ILE B 254 10.59 13.71 -47.54
CA ILE B 254 9.65 13.23 -48.55
C ILE B 254 8.43 14.13 -48.57
N GLY B 255 8.45 15.20 -47.79
CA GLY B 255 7.30 16.10 -47.72
C GLY B 255 7.41 17.15 -46.64
N GLU B 256 6.50 18.11 -46.72
CA GLU B 256 6.33 19.13 -45.70
C GLU B 256 5.12 18.68 -44.88
N THR B 257 5.04 19.04 -43.60
CA THR B 257 3.88 18.63 -42.78
C THR B 257 3.54 19.66 -41.70
N GLY B 258 2.35 19.52 -41.09
CA GLY B 258 1.90 20.45 -40.06
C GLY B 258 1.74 19.82 -38.68
N CYS B 259 1.26 20.60 -37.72
CA CYS B 259 1.08 20.14 -36.35
C CYS B 259 -0.35 19.76 -35.96
N THR B 260 -0.65 19.81 -34.65
CA THR B 260 -1.93 19.38 -34.04
C THR B 260 -2.29 17.94 -34.39
#